data_4WPG
#
_entry.id   4WPG
#
_cell.length_a   36.482
_cell.length_b   45.977
_cell.length_c   48.867
_cell.angle_alpha   66.30
_cell.angle_beta   81.21
_cell.angle_gamma   95.27
#
_symmetry.space_group_name_H-M   'P 1'
#
loop_
_entity.id
_entity.type
_entity.pdbx_description
1 polymer 'dTDP-4-dehydrorhamnose reductase'
2 non-polymer (4S)-2-METHYL-2,4-PENTANEDIOL
3 non-polymer (4R)-2-METHYLPENTANE-2,4-DIOL
4 non-polymer 'PHOSPHATE ION'
5 water water
#
_entity_poly.entity_id   1
_entity_poly.type   'polypeptide(L)'
_entity_poly.pdbx_seq_one_letter_code
;GPLLEMILITGSNGQLGTELRYLLDERGVDYVAVDVAEMDITNEDKVEAVFAQVKPTLVYHCAAYTAVDAAEDEGKALNE
AINVTGSENIAKACGKYGATLVYISTDYVFDGNKPVGQEWVETDHPDPKTEYGRTKRLGELAVERYAEHFYIIRTAWVFG
NYGKNFVFTMEQLAENHSRLTVVNDQHGRPTWTRTLAEFMCYLTENQKAFGYYHLSNDAKEDTTWYDFAKEILKDKAVEV
VPVDSSAFPAKAKRPLNSTMNLDKAKATGFVIPTWQEALKAFYQQGLKK
;
_entity_poly.pdbx_strand_id   A
#
# COMPACT_ATOMS: atom_id res chain seq x y z
N PRO A 2 20.72 4.20 -21.26
CA PRO A 2 20.67 5.63 -21.07
C PRO A 2 19.58 6.20 -21.98
N LEU A 3 19.28 5.65 -23.18
CA LEU A 3 18.25 6.25 -24.07
C LEU A 3 16.90 5.57 -23.95
N LEU A 4 16.83 4.36 -23.46
CA LEU A 4 15.61 3.57 -23.40
C LEU A 4 15.15 3.38 -21.97
N GLU A 5 13.93 3.76 -21.67
CA GLU A 5 13.34 3.43 -20.38
C GLU A 5 12.88 1.99 -20.41
N MET A 6 13.11 1.27 -19.31
CA MET A 6 12.74 -0.13 -19.22
C MET A 6 12.12 -0.38 -17.85
N ILE A 7 10.80 -0.63 -17.83
CA ILE A 7 10.07 -0.74 -16.59
C ILE A 7 9.89 -2.21 -16.22
N LEU A 8 10.13 -2.50 -14.93
CA LEU A 8 9.81 -3.79 -14.31
C LEU A 8 8.78 -3.55 -13.19
N ILE A 9 7.73 -4.38 -13.15
CA ILE A 9 6.76 -4.35 -12.04
C ILE A 9 6.92 -5.66 -11.31
N THR A 10 7.18 -5.59 -10.00
CA THR A 10 7.17 -6.79 -9.17
C THR A 10 5.87 -6.87 -8.39
N GLY A 11 5.50 -8.05 -7.93
CA GLY A 11 4.19 -8.22 -7.34
C GLY A 11 3.10 -7.90 -8.29
N SER A 12 3.27 -8.25 -9.58
CA SER A 12 2.45 -7.74 -10.66
C SER A 12 1.06 -8.24 -10.67
N ASN A 13 0.78 -9.32 -9.94
CA ASN A 13 -0.60 -9.94 -10.00
C ASN A 13 -1.40 -9.67 -8.75
N GLY A 14 -0.87 -8.85 -7.84
CA GLY A 14 -1.63 -8.42 -6.71
C GLY A 14 -2.58 -7.27 -7.04
N GLN A 15 -3.27 -6.74 -6.05
CA GLN A 15 -4.26 -5.73 -6.33
C GLN A 15 -3.61 -4.47 -6.91
N LEU A 16 -2.46 -4.03 -6.36
CA LEU A 16 -1.82 -2.82 -6.88
C LEU A 16 -1.11 -3.10 -8.19
N GLY A 17 -0.35 -4.21 -8.25
CA GLY A 17 0.40 -4.50 -9.48
C GLY A 17 -0.52 -4.63 -10.67
N THR A 18 -1.69 -5.27 -10.48
CA THR A 18 -2.63 -5.44 -11.60
C THR A 18 -3.15 -4.09 -12.04
N GLU A 19 -3.57 -3.28 -11.07
CA GLU A 19 -4.02 -1.89 -11.33
C GLU A 19 -3.01 -1.14 -12.17
N LEU A 20 -1.73 -1.25 -11.73
CA LEU A 20 -0.65 -0.54 -12.40
C LEU A 20 -0.42 -1.05 -13.83
N ARG A 21 -0.44 -2.37 -14.02
CA ARG A 21 -0.35 -2.88 -15.40
C ARG A 21 -1.40 -2.32 -16.28
N TYR A 22 -2.66 -2.29 -15.83
CA TYR A 22 -3.72 -1.78 -16.66
C TYR A 22 -3.59 -0.30 -16.93
N LEU A 23 -3.11 0.47 -15.95
CA LEU A 23 -2.86 1.90 -16.17
C LEU A 23 -1.79 2.11 -17.22
N LEU A 24 -0.68 1.38 -17.12
CA LEU A 24 0.35 1.50 -18.15
C LEU A 24 -0.19 1.08 -19.52
N ASP A 25 -0.97 0.03 -19.57
CA ASP A 25 -1.53 -0.42 -20.83
C ASP A 25 -2.36 0.73 -21.44
N GLU A 26 -3.15 1.44 -20.64
CA GLU A 26 -3.89 2.60 -21.14
C GLU A 26 -3.05 3.70 -21.72
N ARG A 27 -1.89 3.83 -21.18
CA ARG A 27 -0.96 4.95 -21.56
C ARG A 27 0.01 4.51 -22.63
N GLY A 28 -0.15 3.28 -23.11
CA GLY A 28 0.75 2.76 -24.15
C GLY A 28 2.17 2.57 -23.68
N VAL A 29 2.36 2.27 -22.41
CA VAL A 29 3.67 2.10 -21.85
C VAL A 29 3.98 0.62 -21.71
N ASP A 30 5.15 0.22 -22.23
CA ASP A 30 5.60 -1.13 -22.13
C ASP A 30 6.19 -1.40 -20.75
N TYR A 31 6.16 -2.69 -20.37
CA TYR A 31 6.79 -3.13 -19.13
C TYR A 31 7.00 -4.62 -19.16
N VAL A 32 7.84 -5.07 -18.22
CA VAL A 32 7.93 -6.51 -17.87
C VAL A 32 7.29 -6.65 -16.50
N ALA A 33 6.45 -7.67 -16.36
CA ALA A 33 5.69 -7.90 -15.13
C ALA A 33 6.06 -9.25 -14.55
N VAL A 34 6.40 -9.27 -13.27
CA VAL A 34 6.68 -10.53 -12.56
C VAL A 34 5.91 -10.57 -11.20
N ASP A 35 5.55 -11.79 -10.82
CA ASP A 35 5.05 -12.10 -9.47
C ASP A 35 5.63 -13.43 -9.08
N VAL A 36 5.08 -14.06 -8.03
CA VAL A 36 5.62 -15.23 -7.41
C VAL A 36 5.80 -16.42 -8.30
N ALA A 37 5.05 -16.53 -9.38
CA ALA A 37 5.24 -17.67 -10.25
C ALA A 37 6.32 -17.41 -11.28
N GLU A 38 6.89 -16.20 -11.34
CA GLU A 38 7.96 -15.91 -12.24
C GLU A 38 9.24 -15.48 -11.53
N MET A 39 9.17 -14.74 -10.44
CA MET A 39 10.41 -14.09 -9.79
C MET A 39 10.02 -13.94 -8.30
N ASP A 40 10.44 -14.97 -7.60
CA ASP A 40 10.36 -15.00 -6.07
C ASP A 40 11.29 -13.92 -5.48
N ILE A 41 10.79 -12.88 -4.90
CA ILE A 41 11.65 -11.76 -4.46
C ILE A 41 12.53 -12.21 -3.29
N THR A 42 12.22 -13.30 -2.63
CA THR A 42 13.02 -13.82 -1.50
C THR A 42 14.28 -14.57 -1.93
N ASN A 43 14.41 -14.84 -3.21
CA ASN A 43 15.62 -15.51 -3.70
C ASN A 43 16.50 -14.60 -4.52
N GLU A 44 17.66 -14.16 -3.95
CA GLU A 44 18.47 -13.15 -4.56
C GLU A 44 18.96 -13.65 -5.90
N ASP A 45 19.22 -14.92 -6.08
CA ASP A 45 19.68 -15.37 -7.42
C ASP A 45 18.64 -15.28 -8.53
N LYS A 46 17.37 -15.55 -8.20
CA LYS A 46 16.31 -15.45 -9.18
C LYS A 46 16.11 -13.96 -9.49
N VAL A 47 16.13 -13.11 -8.47
CA VAL A 47 16.04 -11.67 -8.69
C VAL A 47 17.17 -11.19 -9.61
N GLU A 48 18.38 -11.62 -9.32
CA GLU A 48 19.49 -11.21 -10.19
C GLU A 48 19.31 -11.65 -11.62
N ALA A 49 18.86 -12.89 -11.84
CA ALA A 49 18.69 -13.38 -13.19
C ALA A 49 17.66 -12.60 -13.95
N VAL A 50 16.56 -12.21 -13.30
CA VAL A 50 15.58 -11.41 -14.00
C VAL A 50 16.14 -10.03 -14.31
N PHE A 51 16.82 -9.40 -13.34
CA PHE A 51 17.35 -8.06 -13.65
C PHE A 51 18.42 -8.12 -14.75
N ALA A 52 19.23 -9.20 -14.80
CA ALA A 52 20.26 -9.35 -15.82
C ALA A 52 19.61 -9.43 -17.22
N GLN A 53 18.47 -10.05 -17.33
CA GLN A 53 17.78 -10.18 -18.62
C GLN A 53 17.06 -8.92 -18.98
N VAL A 54 16.32 -8.35 -18.01
CA VAL A 54 15.43 -7.20 -18.27
C VAL A 54 16.22 -5.89 -18.32
N LYS A 55 17.23 -5.72 -17.49
CA LYS A 55 18.02 -4.50 -17.40
C LYS A 55 17.12 -3.29 -17.14
N PRO A 56 16.30 -3.33 -16.10
CA PRO A 56 15.36 -2.22 -15.89
C PRO A 56 16.07 -0.91 -15.54
N THR A 57 15.40 0.19 -15.87
CA THR A 57 15.75 1.51 -15.43
C THR A 57 14.80 2.05 -14.41
N LEU A 58 13.64 1.38 -14.21
CA LEU A 58 12.58 1.86 -13.31
C LEU A 58 11.87 0.61 -12.83
N VAL A 59 11.73 0.47 -11.52
CA VAL A 59 11.10 -0.69 -10.90
C VAL A 59 10.02 -0.22 -9.97
N TYR A 60 8.77 -0.69 -10.24
CA TYR A 60 7.64 -0.45 -9.33
C TYR A 60 7.46 -1.69 -8.49
N HIS A 61 7.82 -1.60 -7.23
CA HIS A 61 7.81 -2.75 -6.31
C HIS A 61 6.49 -2.85 -5.57
N CYS A 62 5.66 -3.76 -6.05
CA CYS A 62 4.33 -3.96 -5.53
C CYS A 62 4.21 -5.26 -4.73
N ALA A 63 5.29 -5.96 -4.45
CA ALA A 63 5.27 -7.21 -3.73
C ALA A 63 5.35 -6.90 -2.23
N ALA A 64 4.50 -7.46 -1.41
CA ALA A 64 4.56 -7.28 0.04
C ALA A 64 3.75 -8.34 0.69
N TYR A 65 4.01 -8.55 1.95
CA TYR A 65 3.10 -9.32 2.81
C TYR A 65 2.35 -8.39 3.64
N THR A 66 1.01 -8.47 3.68
CA THR A 66 0.20 -7.45 4.30
C THR A 66 -0.77 -8.00 5.38
N ALA A 67 -0.64 -9.24 5.76
CA ALA A 67 -1.63 -9.78 6.76
C ALA A 67 -1.09 -9.42 8.16
N VAL A 68 -1.64 -8.31 8.69
CA VAL A 68 -1.13 -7.71 9.91
C VAL A 68 -1.23 -8.62 11.09
N ASP A 69 -2.44 -9.21 11.33
CA ASP A 69 -2.58 -10.05 12.52
C ASP A 69 -1.72 -11.30 12.38
N ALA A 70 -1.79 -11.88 11.19
CA ALA A 70 -1.00 -13.08 10.94
C ALA A 70 0.52 -12.87 11.13
N ALA A 71 0.99 -11.67 10.74
CA ALA A 71 2.42 -11.38 10.94
C ALA A 71 2.93 -11.45 12.36
N GLU A 72 2.01 -11.35 13.36
CA GLU A 72 2.40 -11.44 14.76
C GLU A 72 2.67 -12.82 15.18
N ASP A 73 2.20 -13.81 14.43
CA ASP A 73 2.27 -15.21 14.88
C ASP A 73 2.48 -16.20 13.73
N GLU A 74 1.42 -16.70 13.17
CA GLU A 74 1.48 -17.79 12.18
C GLU A 74 2.13 -17.37 10.87
N GLY A 75 2.12 -16.08 10.59
CA GLY A 75 2.81 -15.57 9.39
C GLY A 75 4.05 -14.76 9.70
N LYS A 76 4.62 -14.86 10.89
CA LYS A 76 5.74 -14.00 11.27
C LYS A 76 6.99 -14.23 10.37
N ALA A 77 7.31 -15.48 10.16
CA ALA A 77 8.41 -15.87 9.27
C ALA A 77 8.18 -15.41 7.81
N LEU A 78 7.00 -15.59 7.28
CA LEU A 78 6.69 -15.20 5.92
C LEU A 78 6.72 -13.60 5.78
N ASN A 79 6.19 -12.92 6.80
CA ASN A 79 6.23 -11.48 6.82
C ASN A 79 7.66 -10.97 6.75
N GLU A 80 8.50 -11.57 7.55
CA GLU A 80 9.90 -11.17 7.55
C GLU A 80 10.62 -11.47 6.20
N ALA A 81 10.39 -12.67 5.65
CA ALA A 81 11.03 -13.02 4.37
C ALA A 81 10.67 -12.05 3.27
N ILE A 82 9.40 -11.74 3.14
CA ILE A 82 8.95 -10.94 2.06
C ILE A 82 9.29 -9.48 2.31
N ASN A 83 8.96 -8.96 3.49
CA ASN A 83 9.11 -7.52 3.70
C ASN A 83 10.48 -7.05 4.05
N VAL A 84 11.27 -7.90 4.69
CA VAL A 84 12.63 -7.54 5.00
C VAL A 84 13.59 -8.05 3.89
N THR A 85 13.69 -9.36 3.78
CA THR A 85 14.57 -9.93 2.75
C THR A 85 14.19 -9.56 1.34
N GLY A 86 12.94 -9.61 1.00
CA GLY A 86 12.56 -9.30 -0.31
C GLY A 86 12.83 -7.86 -0.63
N SER A 87 12.55 -6.94 0.31
CA SER A 87 12.83 -5.54 0.08
C SER A 87 14.29 -5.29 -0.11
N GLU A 88 15.14 -5.88 0.72
CA GLU A 88 16.57 -5.74 0.53
C GLU A 88 17.00 -6.25 -0.82
N ASN A 89 16.52 -7.40 -1.22
CA ASN A 89 16.93 -7.95 -2.50
C ASN A 89 16.57 -7.03 -3.64
N ILE A 90 15.37 -6.44 -3.65
N ILE A 90 15.38 -6.49 -3.64
CA ILE A 90 14.97 -5.49 -4.73
CA ILE A 90 15.04 -5.62 -4.75
C ILE A 90 15.77 -4.21 -4.67
C ILE A 90 15.81 -4.30 -4.67
N ALA A 91 16.03 -3.75 -3.48
CA ALA A 91 16.81 -2.49 -3.33
C ALA A 91 18.26 -2.70 -3.87
N LYS A 92 18.87 -3.81 -3.48
CA LYS A 92 20.23 -4.12 -3.97
C LYS A 92 20.26 -4.31 -5.44
N ALA A 93 19.27 -5.00 -6.01
CA ALA A 93 19.23 -5.18 -7.48
C ALA A 93 19.07 -3.86 -8.18
N CYS A 94 18.20 -3.00 -7.66
CA CYS A 94 18.05 -1.68 -8.30
C CYS A 94 19.33 -0.88 -8.21
N GLY A 95 20.00 -0.89 -7.07
CA GLY A 95 21.29 -0.16 -6.98
C GLY A 95 22.31 -0.72 -7.92
N LYS A 96 22.37 -2.03 -8.06
CA LYS A 96 23.37 -2.63 -8.98
C LYS A 96 23.15 -2.14 -10.41
N TYR A 97 21.88 -2.09 -10.83
CA TYR A 97 21.51 -1.82 -12.20
C TYR A 97 21.25 -0.35 -12.44
N GLY A 98 21.35 0.50 -11.42
CA GLY A 98 21.07 1.93 -11.58
C GLY A 98 19.61 2.27 -11.80
N ALA A 99 18.74 1.40 -11.36
CA ALA A 99 17.31 1.62 -11.59
C ALA A 99 16.72 2.49 -10.48
N THR A 100 15.77 3.33 -10.86
CA THR A 100 14.93 4.01 -9.87
C THR A 100 14.01 3.01 -9.27
N LEU A 101 13.87 3.03 -7.95
CA LEU A 101 12.96 2.10 -7.22
C LEU A 101 11.80 2.87 -6.60
N VAL A 102 10.60 2.49 -6.96
CA VAL A 102 9.38 2.99 -6.30
C VAL A 102 8.96 1.89 -5.35
N TYR A 103 9.09 2.15 -4.04
CA TYR A 103 8.82 1.19 -2.98
C TYR A 103 7.55 1.64 -2.25
N ILE A 104 6.58 0.73 -2.18
CA ILE A 104 5.36 1.02 -1.46
C ILE A 104 5.47 0.58 -0.02
N SER A 105 5.25 1.52 0.88
CA SER A 105 5.29 1.29 2.30
C SER A 105 3.95 1.66 2.94
N THR A 106 3.94 1.92 4.24
CA THR A 106 2.71 1.91 5.05
C THR A 106 2.66 2.97 6.14
N ASP A 107 1.44 3.47 6.34
CA ASP A 107 1.13 4.28 7.51
C ASP A 107 1.43 3.57 8.83
N TYR A 108 1.50 2.22 8.79
CA TYR A 108 1.79 1.45 9.98
C TYR A 108 3.28 1.52 10.40
N VAL A 109 4.13 2.32 9.75
CA VAL A 109 5.46 2.57 10.33
C VAL A 109 5.37 3.47 11.55
N PHE A 110 4.26 4.18 11.75
CA PHE A 110 4.12 5.12 12.87
C PHE A 110 3.48 4.47 14.08
N ASP A 111 3.75 5.01 15.24
N ASP A 111 3.76 5.02 15.25
CA ASP A 111 3.24 4.40 16.48
CA ASP A 111 3.28 4.45 16.52
C ASP A 111 1.76 4.64 16.69
C ASP A 111 1.79 4.69 16.75
N GLY A 112 1.21 5.60 15.98
CA GLY A 112 -0.25 5.90 16.10
C GLY A 112 -0.67 6.70 17.29
N ASN A 113 0.26 7.20 18.10
CA ASN A 113 -0.07 7.97 19.26
C ASN A 113 -0.08 9.46 18.94
N LYS A 114 -1.08 9.89 18.25
CA LYS A 114 -1.21 11.26 17.79
C LYS A 114 -2.68 11.58 17.98
N PRO A 115 -2.98 12.74 18.56
CA PRO A 115 -4.37 13.04 18.78
C PRO A 115 -5.18 13.04 17.47
N VAL A 116 -6.46 12.71 17.58
CA VAL A 116 -7.40 12.83 16.50
C VAL A 116 -7.34 14.23 15.98
N GLY A 117 -7.26 14.34 14.66
CA GLY A 117 -7.13 15.68 14.06
C GLY A 117 -5.71 16.02 13.62
N GLN A 118 -4.72 15.42 14.28
CA GLN A 118 -3.34 15.60 13.87
C GLN A 118 -2.91 14.49 12.88
N GLU A 119 -1.85 14.74 12.13
CA GLU A 119 -1.48 13.93 10.99
C GLU A 119 0.03 13.70 10.94
N TRP A 120 0.43 12.56 10.42
CA TRP A 120 1.85 12.19 10.31
C TRP A 120 2.46 12.73 8.98
N VAL A 121 3.63 13.35 9.13
CA VAL A 121 4.36 13.87 7.99
C VAL A 121 5.56 13.00 7.69
N GLU A 122 6.14 13.17 6.51
CA GLU A 122 7.17 12.26 6.03
C GLU A 122 8.37 12.24 6.91
N THR A 123 8.69 13.36 7.55
CA THR A 123 9.87 13.49 8.43
C THR A 123 9.63 13.04 9.85
N ASP A 124 8.38 12.61 10.20
CA ASP A 124 8.16 12.09 11.56
C ASP A 124 8.95 10.80 11.71
N HIS A 125 9.34 10.52 12.95
CA HIS A 125 10.15 9.33 13.25
C HIS A 125 9.28 8.07 13.29
N PRO A 126 9.58 7.07 12.49
CA PRO A 126 8.84 5.83 12.62
C PRO A 126 9.13 5.10 13.95
N ASP A 127 8.13 4.49 14.54
CA ASP A 127 8.26 3.70 15.74
C ASP A 127 7.11 2.71 15.78
N PRO A 128 7.24 1.75 14.76
CA PRO A 128 6.10 0.85 14.61
C PRO A 128 5.94 -0.15 15.74
N LYS A 129 4.70 -0.44 16.12
CA LYS A 129 4.38 -1.34 17.20
C LYS A 129 3.81 -2.67 16.71
N THR A 130 3.63 -2.82 15.41
CA THR A 130 3.22 -4.11 14.81
C THR A 130 4.41 -4.76 14.13
N GLU A 131 4.41 -6.08 14.06
CA GLU A 131 5.43 -6.79 13.29
C GLU A 131 5.41 -6.40 11.83
N TYR A 132 4.25 -6.26 11.24
CA TYR A 132 4.17 -5.78 9.89
C TYR A 132 4.87 -4.43 9.71
N GLY A 133 4.52 -3.49 10.56
CA GLY A 133 5.13 -2.16 10.45
C GLY A 133 6.61 -2.16 10.68
N ARG A 134 7.08 -2.95 11.64
CA ARG A 134 8.51 -3.06 11.86
C ARG A 134 9.23 -3.52 10.62
N THR A 135 8.71 -4.56 9.96
CA THR A 135 9.33 -5.06 8.77
C THR A 135 9.33 -4.09 7.59
N LYS A 136 8.20 -3.37 7.46
CA LYS A 136 8.14 -2.38 6.40
C LYS A 136 9.11 -1.24 6.64
N ARG A 137 9.33 -0.84 7.89
CA ARG A 137 10.33 0.17 8.17
C ARG A 137 11.72 -0.33 7.83
N LEU A 138 12.05 -1.58 8.16
CA LEU A 138 13.34 -2.13 7.71
C LEU A 138 13.44 -2.10 6.22
N GLY A 139 12.36 -2.40 5.48
CA GLY A 139 12.38 -2.29 4.02
C GLY A 139 12.72 -0.91 3.60
N GLU A 140 12.08 0.11 4.18
CA GLU A 140 12.41 1.48 3.86
C GLU A 140 13.90 1.76 4.03
N LEU A 141 14.44 1.33 5.14
CA LEU A 141 15.86 1.58 5.42
C LEU A 141 16.76 0.89 4.41
N ALA A 142 16.41 -0.30 3.96
CA ALA A 142 17.17 -0.94 2.89
C ALA A 142 17.12 -0.19 1.60
N VAL A 143 15.95 0.30 1.25
CA VAL A 143 15.80 1.13 0.04
C VAL A 143 16.69 2.34 0.12
N GLU A 144 16.64 3.06 1.24
CA GLU A 144 17.46 4.23 1.35
C GLU A 144 18.90 3.93 1.31
N ARG A 145 19.39 2.79 1.84
CA ARG A 145 20.80 2.45 1.79
C ARG A 145 21.24 2.13 0.40
N TYR A 146 20.45 1.32 -0.34
CA TYR A 146 20.97 0.72 -1.54
C TYR A 146 20.51 1.36 -2.84
N ALA A 147 19.32 1.98 -2.89
CA ALA A 147 18.82 2.62 -4.11
C ALA A 147 19.01 4.12 -4.06
N GLU A 148 20.01 4.61 -4.81
CA GLU A 148 20.28 6.07 -4.79
C GLU A 148 19.10 6.84 -5.31
N HIS A 149 18.35 6.27 -6.28
CA HIS A 149 17.22 6.93 -6.88
C HIS A 149 15.97 6.19 -6.40
N PHE A 150 15.20 6.80 -5.50
CA PHE A 150 14.05 6.10 -4.92
C PHE A 150 12.92 7.05 -4.65
N TYR A 151 11.71 6.44 -4.69
CA TYR A 151 10.52 7.05 -4.13
C TYR A 151 9.94 6.03 -3.16
N ILE A 152 9.79 6.41 -1.89
CA ILE A 152 9.11 5.54 -0.89
C ILE A 152 7.77 6.18 -0.67
N ILE A 153 6.72 5.47 -1.02
CA ILE A 153 5.34 5.99 -0.91
C ILE A 153 4.66 5.25 0.18
N ARG A 154 4.37 5.91 1.30
CA ARG A 154 3.64 5.27 2.40
C ARG A 154 2.16 5.40 2.11
N THR A 155 1.44 4.27 2.08
CA THR A 155 0.00 4.26 1.75
C THR A 155 -0.72 3.55 2.85
N ALA A 156 -2.06 3.54 2.75
CA ALA A 156 -2.91 3.09 3.88
C ALA A 156 -4.10 2.37 3.40
N TRP A 157 -4.55 1.31 4.07
CA TRP A 157 -5.95 0.85 3.92
C TRP A 157 -6.30 0.63 2.47
N VAL A 158 -5.47 -0.16 1.75
CA VAL A 158 -5.49 -0.19 0.28
C VAL A 158 -6.58 -1.15 -0.21
N PHE A 159 -7.33 -0.70 -1.22
CA PHE A 159 -8.38 -1.51 -1.81
C PHE A 159 -8.45 -1.27 -3.31
N GLY A 160 -8.99 -2.22 -4.05
CA GLY A 160 -9.24 -2.04 -5.48
C GLY A 160 -9.83 -3.29 -6.04
N ASN A 161 -10.17 -3.27 -7.34
CA ASN A 161 -10.95 -4.36 -7.92
C ASN A 161 -10.15 -5.61 -8.22
N TYR A 162 -8.83 -5.57 -8.10
CA TYR A 162 -7.99 -6.64 -8.65
C TYR A 162 -7.33 -7.49 -7.61
N GLY A 163 -7.79 -7.50 -6.39
CA GLY A 163 -7.30 -8.46 -5.42
C GLY A 163 -8.07 -8.31 -4.12
N LYS A 164 -7.70 -9.09 -3.14
CA LYS A 164 -8.35 -9.11 -1.85
C LYS A 164 -8.10 -7.83 -1.07
N ASN A 165 -9.08 -7.43 -0.29
CA ASN A 165 -9.00 -6.25 0.53
C ASN A 165 -10.22 -6.14 1.47
N PHE A 166 -10.22 -5.10 2.26
CA PHE A 166 -11.28 -4.85 3.25
C PHE A 166 -12.65 -4.71 2.61
N VAL A 167 -12.73 -4.10 1.44
CA VAL A 167 -14.05 -3.96 0.81
C VAL A 167 -14.63 -5.29 0.46
N PHE A 168 -13.85 -6.15 -0.22
CA PHE A 168 -14.39 -7.46 -0.55
C PHE A 168 -14.62 -8.34 0.66
N THR A 169 -13.79 -8.22 1.69
CA THR A 169 -14.04 -8.95 2.93
C THR A 169 -15.39 -8.58 3.53
N MET A 170 -15.59 -7.24 3.63
N MET A 170 -15.66 -7.31 3.65
CA MET A 170 -16.92 -6.72 4.15
CA MET A 170 -16.93 -6.89 4.21
C MET A 170 -18.08 -7.29 3.35
C MET A 170 -18.12 -7.31 3.34
N GLU A 171 -17.98 -7.19 2.02
CA GLU A 171 -19.09 -7.66 1.14
C GLU A 171 -19.31 -9.15 1.31
N GLN A 172 -18.24 -9.95 1.44
CA GLN A 172 -18.44 -11.36 1.57
C GLN A 172 -19.11 -11.67 2.90
N LEU A 173 -18.63 -11.03 3.95
CA LEU A 173 -19.23 -11.30 5.28
C LEU A 173 -20.73 -10.93 5.32
N ALA A 174 -21.05 -9.86 4.66
CA ALA A 174 -22.41 -9.38 4.65
C ALA A 174 -23.38 -10.29 3.93
N GLU A 175 -22.89 -11.14 3.05
CA GLU A 175 -23.77 -12.13 2.42
C GLU A 175 -24.46 -13.08 3.33
N ASN A 176 -23.79 -13.41 4.43
CA ASN A 176 -24.29 -14.46 5.30
C ASN A 176 -24.43 -14.03 6.74
N HIS A 177 -24.14 -12.78 7.08
CA HIS A 177 -24.20 -12.38 8.47
C HIS A 177 -24.87 -11.06 8.55
N SER A 178 -25.72 -10.90 9.55
CA SER A 178 -26.57 -9.77 9.67
C SER A 178 -25.94 -8.63 10.49
N ARG A 179 -24.96 -8.94 11.29
CA ARG A 179 -24.33 -7.95 12.14
C ARG A 179 -22.79 -8.13 12.06
N LEU A 180 -22.10 -6.98 11.85
CA LEU A 180 -20.61 -6.97 11.79
C LEU A 180 -20.11 -5.89 12.68
N THR A 181 -18.98 -6.16 13.35
CA THR A 181 -18.45 -5.23 14.33
C THR A 181 -17.13 -4.66 13.79
N VAL A 182 -17.05 -3.36 13.68
CA VAL A 182 -15.88 -2.69 13.05
C VAL A 182 -15.39 -1.60 13.96
N VAL A 183 -14.07 -1.61 14.23
CA VAL A 183 -13.47 -0.59 15.10
C VAL A 183 -13.73 0.83 14.65
N ASN A 184 -14.10 1.65 15.65
N ASN A 184 -14.18 1.68 15.61
CA ASN A 184 -14.34 3.05 15.45
CA ASN A 184 -14.32 3.12 15.40
C ASN A 184 -13.37 3.96 16.21
C ASN A 184 -13.39 3.95 16.26
N ASP A 185 -12.24 3.39 16.64
CA ASP A 185 -11.19 4.12 17.39
C ASP A 185 -9.85 3.97 16.76
N GLN A 186 -9.81 3.47 15.49
CA GLN A 186 -8.57 3.45 14.66
C GLN A 186 -8.87 4.35 13.49
N HIS A 187 -8.07 5.43 13.43
CA HIS A 187 -8.25 6.54 12.51
C HIS A 187 -7.21 6.49 11.41
N GLY A 188 -7.63 6.68 10.20
CA GLY A 188 -6.74 6.64 9.04
C GLY A 188 -7.56 6.92 7.80
N ARG A 189 -7.08 6.62 6.60
CA ARG A 189 -7.88 6.87 5.39
C ARG A 189 -7.67 5.73 4.40
N PRO A 190 -8.76 5.31 3.73
CA PRO A 190 -8.65 4.39 2.59
C PRO A 190 -7.74 4.91 1.51
N THR A 191 -7.20 3.97 0.71
CA THR A 191 -6.50 4.30 -0.51
C THR A 191 -6.91 3.34 -1.62
N TRP A 192 -7.51 3.91 -2.67
CA TRP A 192 -7.86 3.12 -3.86
C TRP A 192 -6.57 2.84 -4.66
N THR A 193 -6.38 1.60 -5.10
CA THR A 193 -5.21 1.26 -5.92
C THR A 193 -5.11 2.11 -7.14
N ARG A 194 -6.20 2.54 -7.75
CA ARG A 194 -6.09 3.39 -8.94
C ARG A 194 -5.46 4.72 -8.60
N THR A 195 -5.86 5.36 -7.49
CA THR A 195 -5.24 6.61 -7.09
C THR A 195 -3.77 6.41 -6.81
N LEU A 196 -3.43 5.34 -6.09
CA LEU A 196 -2.03 5.05 -5.75
C LEU A 196 -1.22 4.81 -7.03
N ALA A 197 -1.71 4.00 -7.95
CA ALA A 197 -0.98 3.72 -9.23
C ALA A 197 -0.80 5.04 -9.98
N GLU A 198 -1.83 5.87 -10.07
N GLU A 198 -1.84 5.87 -10.07
CA GLU A 198 -1.65 7.14 -10.74
CA GLU A 198 -1.66 7.14 -10.74
C GLU A 198 -0.60 8.03 -10.04
C GLU A 198 -0.60 8.00 -10.05
N PHE A 199 -0.56 8.01 -8.74
CA PHE A 199 0.45 8.80 -8.02
C PHE A 199 1.86 8.26 -8.27
N MET A 200 2.03 6.97 -8.23
CA MET A 200 3.32 6.34 -8.56
C MET A 200 3.79 6.84 -9.90
N CYS A 201 2.92 6.80 -10.91
CA CYS A 201 3.30 7.24 -12.24
C CYS A 201 3.48 8.72 -12.34
N TYR A 202 2.79 9.51 -11.51
CA TYR A 202 2.96 10.98 -11.54
C TYR A 202 4.35 11.33 -11.10
N LEU A 203 4.81 10.69 -10.03
CA LEU A 203 6.18 10.95 -9.50
C LEU A 203 7.21 10.69 -10.60
N THR A 204 7.08 9.54 -11.26
CA THR A 204 8.08 9.16 -12.24
C THR A 204 7.93 9.92 -13.55
N GLU A 205 6.70 10.16 -14.01
CA GLU A 205 6.53 10.86 -15.27
C GLU A 205 7.07 12.29 -15.15
N ASN A 206 6.88 12.89 -13.99
CA ASN A 206 7.25 14.30 -13.79
C ASN A 206 8.55 14.43 -13.07
N GLN A 207 9.28 13.35 -12.82
CA GLN A 207 10.60 13.37 -12.20
C GLN A 207 10.62 14.26 -10.99
N LYS A 208 9.71 13.98 -10.05
CA LYS A 208 9.72 14.72 -8.78
C LYS A 208 10.91 14.37 -7.95
N ALA A 209 11.19 15.19 -6.89
CA ALA A 209 12.34 14.89 -6.04
C ALA A 209 12.25 13.52 -5.41
N PHE A 210 13.36 12.80 -5.44
CA PHE A 210 13.43 11.54 -4.77
C PHE A 210 13.17 11.68 -3.28
N GLY A 211 12.64 10.64 -2.68
CA GLY A 211 12.42 10.63 -1.24
C GLY A 211 11.08 10.02 -0.87
N TYR A 212 10.62 10.43 0.32
CA TYR A 212 9.43 9.87 0.90
C TYR A 212 8.18 10.71 0.60
N TYR A 213 7.09 10.03 0.34
CA TYR A 213 5.79 10.71 0.07
C TYR A 213 4.68 9.90 0.74
N HIS A 214 3.80 10.59 1.44
CA HIS A 214 2.58 9.94 1.99
C HIS A 214 1.45 10.06 0.94
N LEU A 215 0.78 8.94 0.70
CA LEU A 215 -0.36 8.92 -0.25
C LEU A 215 -1.45 8.00 0.26
N SER A 216 -2.58 8.62 0.63
CA SER A 216 -3.84 7.90 0.75
C SER A 216 -4.85 8.74 -0.01
N ASN A 217 -6.08 8.26 -0.14
CA ASN A 217 -7.16 9.18 -0.52
C ASN A 217 -7.35 10.18 0.64
N ASP A 218 -8.02 11.28 0.32
CA ASP A 218 -8.18 12.36 1.24
C ASP A 218 -9.51 12.24 1.97
N ALA A 219 -9.69 13.12 2.98
CA ALA A 219 -10.99 13.23 3.70
C ALA A 219 -10.98 14.57 4.38
N LYS A 220 -12.14 15.19 4.29
CA LYS A 220 -12.44 16.50 4.95
C LYS A 220 -12.54 16.36 6.48
N GLU A 221 -12.97 15.20 6.93
CA GLU A 221 -13.32 14.88 8.31
C GLU A 221 -12.59 13.63 8.73
N ASP A 222 -12.67 13.39 10.03
CA ASP A 222 -12.08 12.24 10.66
C ASP A 222 -12.68 10.95 10.02
N THR A 223 -11.87 9.92 9.85
CA THR A 223 -12.27 8.70 9.23
C THR A 223 -11.72 7.54 10.06
N THR A 224 -12.61 6.56 10.36
CA THR A 224 -12.23 5.33 10.98
C THR A 224 -12.63 4.14 10.07
N TRP A 225 -12.16 2.94 10.43
CA TRP A 225 -12.59 1.72 9.70
C TRP A 225 -14.10 1.61 9.71
N TYR A 226 -14.72 1.92 10.84
CA TYR A 226 -16.18 1.84 10.93
C TYR A 226 -16.84 2.75 9.87
N ASP A 227 -16.37 3.99 9.77
CA ASP A 227 -16.94 4.90 8.79
C ASP A 227 -16.86 4.27 7.39
N PHE A 228 -15.69 3.71 7.05
CA PHE A 228 -15.50 3.15 5.73
C PHE A 228 -16.46 1.95 5.53
N ALA A 229 -16.51 1.07 6.51
CA ALA A 229 -17.40 -0.13 6.40
C ALA A 229 -18.89 0.29 6.29
N LYS A 230 -19.27 1.33 7.04
CA LYS A 230 -20.70 1.80 6.98
C LYS A 230 -21.00 2.18 5.57
N GLU A 231 -20.12 2.93 4.90
CA GLU A 231 -20.33 3.34 3.53
C GLU A 231 -20.31 2.21 2.53
N ILE A 232 -19.33 1.31 2.64
CA ILE A 232 -19.26 0.20 1.74
C ILE A 232 -20.59 -0.58 1.75
N LEU A 233 -21.12 -0.80 2.99
CA LEU A 233 -22.24 -1.71 3.16
C LEU A 233 -23.57 -1.04 3.17
N LYS A 234 -23.65 0.16 2.76
CA LYS A 234 -24.90 0.96 2.95
C LYS A 234 -26.06 0.42 2.10
N ASP A 235 -25.82 -0.27 1.04
CA ASP A 235 -26.80 -0.89 0.19
C ASP A 235 -27.13 -2.34 0.49
N LYS A 236 -26.65 -2.82 1.65
CA LYS A 236 -26.84 -4.19 2.12
C LYS A 236 -27.59 -4.20 3.44
N ALA A 237 -28.36 -5.35 3.65
N ALA A 237 -28.47 -5.26 3.88
CA ALA A 237 -29.07 -5.73 4.83
CA ALA A 237 -29.25 -5.17 5.13
C ALA A 237 -28.10 -6.33 5.83
C ALA A 237 -28.48 -5.21 6.46
N VAL A 238 -27.25 -5.49 6.35
CA VAL A 238 -26.43 -5.77 7.46
C VAL A 238 -26.38 -4.54 8.36
N GLU A 239 -26.16 -4.75 9.62
CA GLU A 239 -25.94 -3.71 10.51
C GLU A 239 -24.44 -3.67 10.83
N VAL A 240 -23.78 -2.53 10.58
CA VAL A 240 -22.36 -2.36 10.94
C VAL A 240 -22.36 -1.69 12.33
N VAL A 241 -21.74 -2.35 13.29
CA VAL A 241 -21.75 -1.93 14.70
C VAL A 241 -20.40 -1.35 15.05
N PRO A 242 -20.31 -0.13 15.54
CA PRO A 242 -19.00 0.43 15.94
C PRO A 242 -18.53 -0.12 17.24
N VAL A 243 -17.29 -0.56 17.32
CA VAL A 243 -16.71 -1.11 18.55
C VAL A 243 -15.39 -0.43 18.84
N ASP A 244 -14.93 -0.52 20.07
CA ASP A 244 -13.54 -0.09 20.33
C ASP A 244 -12.56 -1.23 20.08
N SER A 245 -11.28 -0.93 20.11
CA SER A 245 -10.23 -1.92 19.79
C SER A 245 -10.07 -2.92 20.91
N SER A 246 -10.58 -2.61 22.09
CA SER A 246 -10.63 -3.50 23.24
C SER A 246 -11.78 -4.48 23.19
N ALA A 247 -12.73 -4.29 22.29
CA ALA A 247 -13.89 -5.14 22.30
C ALA A 247 -13.56 -6.60 22.04
N PHE A 248 -12.63 -6.87 21.13
CA PHE A 248 -12.22 -8.24 20.85
C PHE A 248 -10.67 -8.45 20.86
N PRO A 249 -10.14 -9.60 21.37
CA PRO A 249 -8.65 -9.63 21.52
C PRO A 249 -7.89 -9.81 20.22
N ALA A 250 -7.47 -8.70 19.66
CA ALA A 250 -6.67 -8.69 18.43
C ALA A 250 -5.14 -9.03 18.61
N LYS A 251 -4.53 -9.74 17.66
CA LYS A 251 -3.12 -10.15 17.80
C LYS A 251 -2.15 -8.94 17.66
N ALA A 252 -2.45 -8.10 16.69
CA ALA A 252 -1.61 -6.88 16.44
C ALA A 252 -2.18 -5.66 17.13
N LYS A 253 -1.28 -4.86 17.74
CA LYS A 253 -1.67 -3.58 18.33
C LYS A 253 -1.61 -2.52 17.28
N ARG A 254 -2.73 -2.34 16.60
CA ARG A 254 -2.78 -1.44 15.47
C ARG A 254 -2.73 0.02 15.92
N PRO A 255 -2.19 0.93 15.13
CA PRO A 255 -2.09 2.34 15.55
C PRO A 255 -3.44 2.97 15.72
N LEU A 256 -3.64 3.76 16.77
CA LEU A 256 -4.93 4.36 16.97
C LEU A 256 -5.16 5.48 15.99
N ASN A 257 -4.13 6.25 15.64
CA ASN A 257 -4.30 7.29 14.64
C ASN A 257 -3.13 7.27 13.71
N SER A 258 -3.32 6.74 12.51
CA SER A 258 -2.28 6.67 11.46
C SER A 258 -2.62 7.59 10.29
N THR A 259 -3.49 8.61 10.51
CA THR A 259 -3.83 9.52 9.46
C THR A 259 -2.57 10.28 9.01
N MET A 260 -2.36 10.25 7.67
CA MET A 260 -1.21 10.92 7.10
C MET A 260 -1.48 12.29 6.60
N ASN A 261 -0.53 13.21 6.74
CA ASN A 261 -0.58 14.50 6.13
C ASN A 261 -0.20 14.34 4.67
N LEU A 262 -1.09 14.75 3.76
CA LEU A 262 -0.91 14.61 2.33
C LEU A 262 -0.36 15.82 1.64
N ASP A 263 0.10 16.81 2.38
CA ASP A 263 0.55 18.03 1.77
C ASP A 263 1.69 17.88 0.76
N LYS A 264 2.66 17.01 1.05
CA LYS A 264 3.80 16.84 0.13
C LYS A 264 3.36 16.27 -1.20
N ALA A 265 2.49 15.26 -1.12
CA ALA A 265 1.92 14.70 -2.33
C ALA A 265 1.14 15.74 -3.11
N LYS A 266 0.29 16.51 -2.41
CA LYS A 266 -0.45 17.59 -3.09
C LYS A 266 0.50 18.65 -3.70
N ALA A 267 1.66 18.89 -3.09
CA ALA A 267 2.63 19.88 -3.61
C ALA A 267 3.24 19.42 -4.91
N THR A 268 3.11 18.15 -5.26
CA THR A 268 3.60 17.66 -6.54
C THR A 268 2.79 18.16 -7.70
N GLY A 269 1.58 18.61 -7.40
CA GLY A 269 0.60 18.85 -8.44
C GLY A 269 -0.45 17.77 -8.64
N PHE A 270 -0.22 16.59 -8.12
CA PHE A 270 -1.19 15.48 -8.21
C PHE A 270 -2.43 15.87 -7.41
N VAL A 271 -3.60 15.60 -7.92
CA VAL A 271 -4.84 15.85 -7.25
C VAL A 271 -5.39 14.56 -6.66
N ILE A 272 -5.67 14.64 -5.35
CA ILE A 272 -6.05 13.43 -4.62
C ILE A 272 -7.55 13.42 -4.38
N PRO A 273 -8.29 12.46 -4.92
CA PRO A 273 -9.78 12.36 -4.60
C PRO A 273 -9.99 12.05 -3.15
N THR A 274 -11.12 12.45 -2.59
CA THR A 274 -11.48 11.92 -1.28
C THR A 274 -11.75 10.42 -1.35
N TRP A 275 -11.67 9.76 -0.22
CA TRP A 275 -11.95 8.35 -0.24
C TRP A 275 -13.37 8.06 -0.68
N GLN A 276 -14.29 8.98 -0.34
CA GLN A 276 -15.68 8.76 -0.82
C GLN A 276 -15.79 8.77 -2.35
N GLU A 277 -15.10 9.74 -2.98
CA GLU A 277 -15.06 9.79 -4.43
C GLU A 277 -14.40 8.55 -5.03
N ALA A 278 -13.28 8.14 -4.42
CA ALA A 278 -12.56 6.96 -4.94
C ALA A 278 -13.39 5.69 -4.85
N LEU A 279 -14.10 5.53 -3.72
CA LEU A 279 -14.92 4.34 -3.55
C LEU A 279 -16.00 4.29 -4.62
N LYS A 280 -16.63 5.41 -4.88
CA LYS A 280 -17.60 5.44 -5.95
C LYS A 280 -17.04 5.06 -7.35
N ALA A 281 -15.84 5.57 -7.67
CA ALA A 281 -15.15 5.22 -8.88
C ALA A 281 -14.75 3.75 -8.97
N PHE A 282 -14.32 3.17 -7.84
CA PHE A 282 -14.07 1.81 -7.73
C PHE A 282 -15.32 1.03 -8.08
N TYR A 283 -16.48 1.41 -7.60
CA TYR A 283 -17.66 0.62 -7.95
C TYR A 283 -17.94 0.68 -9.42
N GLN A 284 -17.81 1.85 -10.04
CA GLN A 284 -18.02 1.99 -11.51
C GLN A 284 -17.01 1.17 -12.29
N GLN A 285 -15.70 1.22 -11.92
CA GLN A 285 -14.72 0.45 -12.65
C GLN A 285 -14.92 -1.01 -12.51
N GLY A 286 -15.49 -1.48 -11.42
CA GLY A 286 -15.74 -2.89 -11.23
C GLY A 286 -16.82 -3.44 -12.15
N LEU A 287 -17.64 -2.57 -12.73
CA LEU A 287 -18.69 -2.99 -13.72
C LEU A 287 -18.12 -3.55 -15.01
N LYS A 288 -16.88 -3.26 -15.32
CA LYS A 288 -16.17 -3.80 -16.50
C LYS A 288 -15.29 -5.03 -16.13
#